data_5Z4W
#
_entry.id   5Z4W
#
_cell.length_a   61.068
_cell.length_b   66.735
_cell.length_c   106.072
_cell.angle_alpha   90.00
_cell.angle_beta   90.00
_cell.angle_gamma   90.00
#
_symmetry.space_group_name_H-M   'P 21 21 21'
#
loop_
_entity.id
_entity.type
_entity.pdbx_description
1 polymer 'Chitinase-3-like protein 1'
2 non-polymer 2-acetamido-2-deoxy-beta-D-glucopyranose
3 non-polymer (4S)-2-METHYL-2,4-PENTANEDIOL
4 non-polymer ETHANOL
5 water water
#
_entity_poly.entity_id   1
_entity_poly.type   'polypeptide(L)'
_entity_poly.pdbx_seq_one_letter_code
;YKLICYYTSWSQYREGDGSCFPDAIDPFLCTHVIYSFANISNNEIDTWEWNDVTLYDTLNTLKNRNPKLKTLLSVGGWNF
GSQRFSKIASKTQSRRTFIKSVPPFLRTHGFDGLDLAWLYPGWRDKRHLTTLVKEMKAEFVREAQAGTEQLLLSAAVPAG
KIAIDRGYDIAQISRHLDFISLLTYDFHGAWRQTVGHHSPLFRGQEDASSRFSNADYAVSYMLRLGAPANKLVMGIPTFG
KSYTLASSKTDVGAPISGPGIPGQFTKEKGILAYYEICDFLHGATTHRFRDQQVPYATKGNQWVAYDDQESVKNKARYLK
NRQLAGAMVWALDLDDFRGTFCGQNLAFPLTNAIKDVLAGV
;
_entity_poly.pdbx_strand_id   A
#
loop_
_chem_comp.id
_chem_comp.type
_chem_comp.name
_chem_comp.formula
EOH non-polymer ETHANOL 'C2 H6 O'
MPD non-polymer (4S)-2-METHYL-2,4-PENTANEDIOL 'C6 H14 O2'
NAG D-saccharide, beta linking 2-acetamido-2-deoxy-beta-D-glucopyranose 'C8 H15 N O6'
#
# COMPACT_ATOMS: atom_id res chain seq x y z
N TYR A 1 1.72 16.88 6.36
CA TYR A 1 1.23 15.66 5.74
C TYR A 1 2.28 14.60 5.81
N LYS A 2 1.84 13.35 5.97
CA LYS A 2 2.74 12.29 5.82
C LYS A 2 2.64 11.79 4.35
N LEU A 3 3.75 11.26 3.82
CA LEU A 3 3.72 10.59 2.54
C LEU A 3 4.47 9.29 2.77
N ILE A 4 3.67 8.23 2.92
CA ILE A 4 4.12 6.92 3.38
C ILE A 4 4.31 6.06 2.16
N CYS A 5 5.53 5.57 1.88
CA CYS A 5 5.78 4.88 0.63
C CYS A 5 6.39 3.52 0.81
N TYR A 6 5.80 2.52 0.19
CA TYR A 6 6.29 1.16 0.28
C TYR A 6 7.31 0.83 -0.78
N TYR A 7 8.33 0.08 -0.39
CA TYR A 7 9.40 -0.43 -1.25
C TYR A 7 9.26 -1.95 -1.02
N THR A 8 9.14 -2.75 -2.12
CA THR A 8 9.00 -4.20 -1.96
C THR A 8 10.34 -4.95 -2.23
N SER A 9 10.69 -5.92 -1.43
CA SER A 9 12.04 -6.53 -1.47
C SER A 9 12.23 -7.42 -2.75
N TRP A 10 11.11 -7.86 -3.37
CA TRP A 10 11.10 -8.72 -4.51
C TRP A 10 11.31 -7.92 -5.79
N SER A 11 11.11 -6.61 -5.71
CA SER A 11 11.33 -5.74 -6.93
C SER A 11 12.76 -5.86 -7.46
N GLN A 12 13.75 -6.19 -6.60
CA GLN A 12 15.13 -6.26 -6.99
C GLN A 12 15.37 -7.20 -8.16
N TYR A 13 14.53 -8.24 -8.19
CA TYR A 13 14.76 -9.35 -9.12
C TYR A 13 14.25 -9.15 -10.49
N ARG A 14 13.40 -8.15 -10.69
CA ARG A 14 12.88 -7.91 -12.05
C ARG A 14 13.96 -7.72 -13.07
N GLU A 15 13.65 -8.15 -14.29
CA GLU A 15 14.58 -8.07 -15.38
C GLU A 15 14.86 -6.65 -15.90
N GLY A 16 16.12 -6.41 -16.24
CA GLY A 16 16.51 -5.17 -16.85
C GLY A 16 16.07 -3.95 -16.07
N ASP A 17 15.34 -3.04 -16.70
CA ASP A 17 14.98 -1.80 -15.98
C ASP A 17 13.90 -1.94 -14.96
N GLY A 18 13.24 -3.05 -14.93
CA GLY A 18 12.27 -3.28 -13.90
C GLY A 18 12.94 -3.53 -12.54
N SER A 19 14.25 -3.81 -12.57
CA SER A 19 15.01 -4.06 -11.28
C SER A 19 15.01 -2.80 -10.47
N CYS A 20 14.61 -2.90 -9.20
CA CYS A 20 14.57 -1.72 -8.27
C CYS A 20 15.24 -2.09 -6.93
N PHE A 21 16.34 -1.39 -6.59
CA PHE A 21 16.94 -1.47 -5.32
C PHE A 21 16.66 -0.13 -4.54
N PRO A 22 16.84 -0.15 -3.20
CA PRO A 22 16.42 1.02 -2.45
C PRO A 22 17.22 2.30 -2.74
N ASP A 23 18.42 2.22 -3.30
CA ASP A 23 19.18 3.44 -3.73
C ASP A 23 18.57 4.15 -4.93
N ALA A 24 17.57 3.54 -5.54
CA ALA A 24 16.82 4.22 -6.54
C ALA A 24 15.82 5.30 -5.94
N ILE A 25 15.54 5.17 -4.66
CA ILE A 25 14.59 6.04 -4.01
C ILE A 25 15.16 7.45 -3.68
N ASP A 26 14.41 8.49 -4.05
CA ASP A 26 14.82 9.86 -3.80
C ASP A 26 14.64 10.01 -2.26
N PRO A 27 15.70 10.42 -1.57
CA PRO A 27 15.57 10.49 -0.13
C PRO A 27 14.54 11.51 0.40
N PHE A 28 14.25 12.51 -0.41
CA PHE A 28 13.35 13.59 -0.07
C PHE A 28 11.91 13.43 -0.61
N LEU A 29 11.65 12.39 -1.37
CA LEU A 29 10.37 12.17 -2.02
C LEU A 29 9.30 11.90 -0.92
N CYS A 30 9.53 10.89 -0.05
CA CYS A 30 8.53 10.47 0.99
C CYS A 30 8.95 10.98 2.39
N THR A 31 8.01 10.99 3.32
CA THR A 31 8.34 11.23 4.73
C THR A 31 8.71 9.93 5.45
N HIS A 32 8.14 8.86 5.01
CA HIS A 32 8.32 7.55 5.59
C HIS A 32 8.42 6.49 4.52
N VAL A 33 9.49 5.63 4.49
CA VAL A 33 9.51 4.56 3.50
C VAL A 33 9.34 3.31 4.32
N ILE A 34 8.52 2.44 3.85
CA ILE A 34 8.22 1.15 4.49
C ILE A 34 8.75 0.03 3.65
N TYR A 35 9.64 -0.77 4.20
CA TYR A 35 10.24 -1.93 3.52
C TYR A 35 9.35 -3.18 3.75
N SER A 36 8.95 -3.87 2.65
CA SER A 36 7.96 -4.93 2.60
C SER A 36 8.63 -6.16 2.03
N PHE A 37 8.51 -7.37 2.63
CA PHE A 37 7.98 -7.71 3.94
C PHE A 37 9.06 -8.48 4.77
N ALA A 38 8.92 -8.41 6.05
CA ALA A 38 9.59 -9.21 7.01
C ALA A 38 8.84 -10.51 7.31
N ASN A 39 9.63 -11.58 7.60
CA ASN A 39 9.04 -12.87 8.02
C ASN A 39 8.81 -12.90 9.54
N ILE A 40 8.14 -13.93 10.03
CA ILE A 40 8.15 -14.36 11.42
C ILE A 40 8.56 -15.76 11.39
N SER A 41 9.65 -16.04 12.12
CA SER A 41 10.30 -17.34 12.13
C SER A 41 10.77 -17.62 13.58
N ASN A 42 10.51 -18.80 14.08
CA ASN A 42 10.67 -19.10 15.48
C ASN A 42 9.89 -18.12 16.37
N ASN A 43 8.73 -17.67 15.88
CA ASN A 43 7.91 -16.69 16.58
C ASN A 43 8.64 -15.34 16.77
N GLU A 44 9.59 -15.05 15.91
CA GLU A 44 10.33 -13.80 16.00
C GLU A 44 10.43 -13.12 14.65
N ILE A 45 10.52 -11.79 14.65
CA ILE A 45 10.62 -11.07 13.44
C ILE A 45 11.88 -11.53 12.77
N ASP A 46 11.89 -11.59 11.43
CA ASP A 46 13.04 -12.06 10.74
C ASP A 46 13.13 -11.53 9.31
N THR A 47 14.32 -11.69 8.67
CA THR A 47 14.46 -11.26 7.31
C THR A 47 13.67 -12.28 6.45
N TRP A 48 13.52 -11.90 5.20
CA TRP A 48 12.75 -12.65 4.15
C TRP A 48 13.65 -13.08 2.96
N GLU A 49 14.10 -12.09 2.22
CA GLU A 49 15.17 -12.33 1.19
C GLU A 49 16.55 -12.63 1.71
N TRP A 50 17.30 -13.39 0.97
CA TRP A 50 18.66 -13.79 1.38
C TRP A 50 19.53 -12.53 1.72
N ASN A 51 19.29 -11.46 0.97
CA ASN A 51 20.11 -10.22 1.08
C ASN A 51 19.40 -9.09 1.74
N ASP A 52 18.34 -9.39 2.54
CA ASP A 52 17.63 -8.29 3.22
C ASP A 52 18.55 -7.51 4.18
N VAL A 53 19.53 -8.14 4.82
CA VAL A 53 20.38 -7.28 5.72
C VAL A 53 21.07 -6.13 4.85
N THR A 54 21.59 -6.47 3.65
CA THR A 54 22.23 -5.51 2.72
C THR A 54 21.21 -4.46 2.26
N LEU A 55 20.04 -4.87 1.87
CA LEU A 55 19.06 -3.88 1.36
C LEU A 55 18.46 -3.03 2.44
N TYR A 56 18.30 -3.59 3.67
CA TYR A 56 17.94 -2.75 4.84
C TYR A 56 19.00 -1.60 4.95
N ASP A 57 20.32 -1.94 4.80
CA ASP A 57 21.38 -1.02 4.96
C ASP A 57 21.29 -0.02 3.81
N THR A 58 21.00 -0.49 2.61
CA THR A 58 20.87 0.44 1.48
C THR A 58 19.74 1.49 1.72
N LEU A 59 18.58 0.99 2.18
CA LEU A 59 17.46 1.82 2.53
C LEU A 59 17.89 2.82 3.63
N ASN A 60 18.45 2.31 4.71
CA ASN A 60 18.83 3.15 5.87
C ASN A 60 19.91 4.17 5.48
N THR A 61 20.67 3.94 4.41
CA THR A 61 21.66 4.91 3.98
C THR A 61 21.01 6.18 3.46
N LEU A 62 19.78 6.09 3.01
CA LEU A 62 19.05 7.22 2.52
C LEU A 62 18.96 8.34 3.57
N LYS A 63 18.89 7.98 4.85
CA LYS A 63 18.94 8.99 5.94
C LYS A 63 20.22 9.73 6.04
N ASN A 64 21.29 9.32 5.38
CA ASN A 64 22.48 10.13 5.42
C ASN A 64 22.19 11.42 4.67
N ARG A 65 21.43 11.30 3.56
CA ARG A 65 21.11 12.44 2.69
C ARG A 65 19.90 13.21 3.29
N ASN A 66 19.02 12.49 3.89
CA ASN A 66 17.78 13.09 4.48
C ASN A 66 17.59 12.55 5.86
N PRO A 67 18.28 13.15 6.85
CA PRO A 67 18.15 12.67 8.22
C PRO A 67 16.73 12.74 8.85
N LYS A 68 15.79 13.46 8.31
CA LYS A 68 14.41 13.47 8.80
C LYS A 68 13.63 12.30 8.23
N LEU A 69 14.15 11.61 7.24
CA LEU A 69 13.38 10.47 6.72
C LEU A 69 13.17 9.38 7.74
N LYS A 70 11.98 8.83 7.82
CA LYS A 70 11.72 7.70 8.67
C LYS A 70 11.56 6.42 7.91
N THR A 71 12.03 5.30 8.48
CA THR A 71 11.80 4.03 7.85
C THR A 71 11.05 3.10 8.76
N LEU A 72 10.20 2.22 8.21
CA LEU A 72 9.57 1.19 8.95
C LEU A 72 9.79 -0.12 8.20
N LEU A 73 9.68 -1.22 8.90
CA LEU A 73 9.70 -2.58 8.40
C LEU A 73 8.31 -3.16 8.54
N SER A 74 7.75 -3.69 7.41
CA SER A 74 6.39 -4.20 7.42
C SER A 74 6.46 -5.73 7.55
N VAL A 75 5.77 -6.32 8.52
CA VAL A 75 5.76 -7.72 8.79
C VAL A 75 4.43 -8.27 8.38
N GLY A 76 4.52 -9.40 7.70
CA GLY A 76 3.30 -10.02 7.13
C GLY A 76 3.31 -10.02 5.64
N GLY A 77 2.27 -9.49 5.05
CA GLY A 77 2.07 -9.51 3.64
C GLY A 77 1.32 -10.79 3.18
N TRP A 78 1.21 -10.90 1.88
CA TRP A 78 0.27 -11.99 1.36
C TRP A 78 0.89 -13.39 1.25
N ASN A 79 2.19 -13.50 0.98
CA ASN A 79 2.85 -14.82 1.04
C ASN A 79 2.95 -15.30 2.39
N PHE A 80 3.01 -14.42 3.34
CA PHE A 80 3.05 -14.84 4.74
C PHE A 80 1.73 -15.44 5.05
N GLY A 81 0.72 -14.60 4.77
CA GLY A 81 -0.69 -14.97 4.79
C GLY A 81 -1.38 -14.79 6.19
N SER A 82 -2.56 -15.38 6.35
CA SER A 82 -3.35 -15.03 7.59
C SER A 82 -3.17 -15.99 8.72
N GLN A 83 -3.19 -17.30 8.34
CA GLN A 83 -3.18 -18.33 9.28
C GLN A 83 -1.89 -18.31 10.14
N ARG A 84 -0.77 -18.08 9.49
CA ARG A 84 0.46 -17.92 10.29
C ARG A 84 0.43 -16.77 11.33
N PHE A 85 -0.06 -15.62 10.89
CA PHE A 85 -0.27 -14.51 11.81
C PHE A 85 -1.22 -14.83 12.92
N SER A 86 -2.34 -15.53 12.57
CA SER A 86 -3.36 -15.90 13.55
C SER A 86 -2.70 -16.71 14.68
N LYS A 87 -1.89 -17.71 14.32
CA LYS A 87 -1.30 -18.64 15.34
C LYS A 87 -0.48 -17.86 16.39
N ILE A 88 0.28 -16.88 15.88
CA ILE A 88 1.17 -16.02 16.71
C ILE A 88 0.37 -15.16 17.67
N ALA A 89 -0.60 -14.42 17.14
CA ALA A 89 -1.37 -13.46 17.92
C ALA A 89 -2.33 -14.04 18.84
N SER A 90 -2.91 -15.25 18.61
CA SER A 90 -3.92 -15.79 19.49
C SER A 90 -3.44 -16.43 20.78
N LYS A 91 -2.14 -16.64 20.93
CA LYS A 91 -1.61 -17.23 22.17
C LYS A 91 -0.68 -16.35 22.92
N THR A 92 -0.92 -16.20 24.21
CA THR A 92 -0.08 -15.34 25.06
C THR A 92 1.45 -15.50 24.82
N GLN A 93 1.91 -16.73 24.79
CA GLN A 93 3.35 -16.97 24.79
C GLN A 93 3.99 -16.67 23.45
N SER A 94 3.36 -17.07 22.33
CA SER A 94 3.98 -16.71 21.06
C SER A 94 3.86 -15.22 20.75
N ARG A 95 2.80 -14.59 21.20
CA ARG A 95 2.61 -13.19 21.03
C ARG A 95 3.76 -12.43 21.75
N ARG A 96 4.03 -12.78 22.98
CA ARG A 96 5.07 -12.20 23.73
C ARG A 96 6.51 -12.39 23.10
N THR A 97 6.78 -13.58 22.58
CA THR A 97 8.05 -13.88 21.99
C THR A 97 8.23 -12.96 20.78
N PHE A 98 7.15 -12.83 19.98
CA PHE A 98 7.22 -11.99 18.82
C PHE A 98 7.44 -10.46 19.20
N ILE A 99 6.60 -9.98 20.13
CA ILE A 99 6.61 -8.62 20.50
C ILE A 99 8.08 -8.34 21.08
N LYS A 100 8.57 -9.16 21.89
CA LYS A 100 9.94 -8.96 22.44
C LYS A 100 11.04 -8.88 21.42
N SER A 101 10.85 -9.63 20.33
CA SER A 101 11.83 -9.70 19.32
C SER A 101 11.94 -8.43 18.51
N VAL A 102 10.84 -7.66 18.44
CA VAL A 102 10.79 -6.61 17.46
C VAL A 102 11.77 -5.45 17.71
N PRO A 103 11.76 -4.82 18.93
CA PRO A 103 12.62 -3.58 19.07
C PRO A 103 14.09 -3.88 18.75
N PRO A 104 14.64 -5.01 19.26
CA PRO A 104 16.10 -5.20 19.01
C PRO A 104 16.46 -5.41 17.54
N PHE A 105 15.54 -6.13 16.83
CA PHE A 105 15.74 -6.34 15.39
C PHE A 105 15.67 -5.00 14.65
N LEU A 106 14.68 -4.21 14.97
CA LEU A 106 14.58 -2.96 14.26
C LEU A 106 15.76 -2.07 14.57
N ARG A 107 16.26 -2.02 15.82
CA ARG A 107 17.33 -1.14 16.15
C ARG A 107 18.63 -1.66 15.42
N THR A 108 18.81 -2.96 15.39
CA THR A 108 19.98 -3.49 14.73
C THR A 108 20.03 -3.06 13.28
N HIS A 109 18.87 -3.09 12.61
CA HIS A 109 18.78 -2.83 11.23
C HIS A 109 18.47 -1.39 10.85
N GLY A 110 18.37 -0.52 11.84
CA GLY A 110 18.24 0.93 11.55
C GLY A 110 16.85 1.43 11.29
N PHE A 111 15.80 0.66 11.55
CA PHE A 111 14.43 1.05 11.30
C PHE A 111 13.90 1.89 12.48
N ASP A 112 13.06 2.81 12.14
CA ASP A 112 12.29 3.59 13.10
C ASP A 112 10.97 3.10 13.58
N GLY A 113 10.48 2.01 13.04
CA GLY A 113 9.24 1.46 13.48
C GLY A 113 8.86 0.20 12.73
N LEU A 114 7.73 -0.31 13.13
CA LEU A 114 7.11 -1.49 12.62
C LEU A 114 5.77 -1.13 11.98
N ASP A 115 5.53 -1.75 10.84
CA ASP A 115 4.24 -1.73 10.15
C ASP A 115 3.63 -3.12 10.21
N LEU A 116 2.47 -3.23 10.79
CA LEU A 116 1.77 -4.51 10.80
C LEU A 116 0.94 -4.69 9.53
N ALA A 117 1.26 -5.72 8.75
CA ALA A 117 0.51 -6.08 7.55
C ALA A 117 -0.04 -7.48 7.58
N TRP A 118 -0.86 -7.76 8.59
CA TRP A 118 -1.57 -9.00 8.63
C TRP A 118 -2.69 -8.97 7.54
N LEU A 119 -2.54 -9.73 6.48
CA LEU A 119 -3.53 -9.72 5.33
C LEU A 119 -4.24 -11.09 5.29
N TYR A 120 -5.31 -11.27 6.05
CA TYR A 120 -6.10 -10.33 6.85
C TYR A 120 -6.69 -11.17 8.04
N PRO A 121 -6.88 -10.57 9.19
CA PRO A 121 -7.57 -11.18 10.28
C PRO A 121 -9.04 -11.57 9.98
N GLY A 122 -9.41 -12.79 10.37
CA GLY A 122 -10.79 -13.35 10.28
C GLY A 122 -11.56 -12.83 11.51
N TRP A 123 -12.80 -13.19 11.56
CA TRP A 123 -13.73 -12.79 12.66
C TRP A 123 -13.18 -13.28 14.00
N ARG A 124 -12.57 -14.51 13.99
CA ARG A 124 -12.07 -15.05 15.26
C ARG A 124 -10.75 -14.31 15.67
N ASP A 125 -10.13 -13.53 14.81
CA ASP A 125 -8.88 -12.84 15.04
C ASP A 125 -8.99 -11.41 15.56
N LYS A 126 -10.18 -10.77 15.40
CA LYS A 126 -10.34 -9.31 15.66
C LYS A 126 -9.77 -8.91 17.07
N ARG A 127 -10.10 -9.72 18.06
CA ARG A 127 -9.80 -9.38 19.43
C ARG A 127 -8.29 -9.57 19.68
N HIS A 128 -7.72 -10.57 18.98
CA HIS A 128 -6.24 -10.81 19.06
C HIS A 128 -5.43 -9.74 18.42
N LEU A 129 -5.90 -9.23 17.30
CA LEU A 129 -5.28 -8.10 16.70
C LEU A 129 -5.28 -6.90 17.68
N THR A 130 -6.37 -6.68 18.31
CA THR A 130 -6.46 -5.59 19.26
C THR A 130 -5.35 -5.75 20.31
N THR A 131 -5.29 -6.94 20.85
CA THR A 131 -4.31 -7.22 21.92
C THR A 131 -2.91 -7.05 21.37
N LEU A 132 -2.63 -7.62 20.20
CA LEU A 132 -1.33 -7.47 19.61
C LEU A 132 -0.86 -6.00 19.44
N VAL A 133 -1.78 -5.19 18.92
CA VAL A 133 -1.45 -3.82 18.68
C VAL A 133 -1.15 -3.11 20.05
N LYS A 134 -2.04 -3.32 21.06
CA LYS A 134 -1.90 -2.64 22.33
C LYS A 134 -0.56 -3.07 22.99
N GLU A 135 -0.30 -4.37 23.01
CA GLU A 135 0.88 -4.90 23.63
C GLU A 135 2.13 -4.50 22.86
N MET A 136 2.11 -4.49 21.54
CA MET A 136 3.31 -4.05 20.75
C MET A 136 3.60 -2.59 21.10
N LYS A 137 2.52 -1.77 21.09
CA LYS A 137 2.72 -0.36 21.48
C LYS A 137 3.31 -0.23 22.89
N ALA A 138 2.81 -0.99 23.84
CA ALA A 138 3.35 -0.90 25.18
C ALA A 138 4.82 -1.30 25.28
N GLU A 139 5.26 -2.31 24.48
CA GLU A 139 6.66 -2.68 24.44
C GLU A 139 7.50 -1.55 23.81
N PHE A 140 6.94 -0.84 22.83
CA PHE A 140 7.64 0.32 22.23
C PHE A 140 7.78 1.46 23.26
N VAL A 141 6.71 1.70 24.02
CA VAL A 141 6.80 2.65 25.10
C VAL A 141 7.92 2.34 26.07
N ARG A 142 7.94 1.14 26.57
CA ARG A 142 8.95 0.67 27.48
C ARG A 142 10.38 0.82 26.88
N GLU A 143 10.52 0.40 25.66
CA GLU A 143 11.82 0.43 25.01
C GLU A 143 12.33 1.86 24.81
N ALA A 144 11.44 2.84 24.64
CA ALA A 144 11.90 4.26 24.56
C ALA A 144 12.69 4.72 25.82
N GLN A 145 12.44 4.06 26.96
CA GLN A 145 13.10 4.46 28.21
C GLN A 145 14.61 4.42 28.18
N ALA A 146 15.16 3.65 27.20
CA ALA A 146 16.55 3.43 27.12
C ALA A 146 17.24 4.56 26.32
N GLY A 147 16.49 5.53 25.92
CA GLY A 147 17.00 6.75 25.47
C GLY A 147 16.96 7.05 24.01
N THR A 148 16.53 6.14 23.16
CA THR A 148 16.28 6.40 21.71
C THR A 148 14.85 6.73 21.39
N GLU A 149 14.65 7.59 20.42
CA GLU A 149 13.28 8.07 20.04
C GLU A 149 12.32 6.87 19.82
N GLN A 150 11.21 6.90 20.49
CA GLN A 150 10.24 5.77 20.46
C GLN A 150 9.95 5.28 19.06
N LEU A 151 9.92 3.98 18.94
CA LEU A 151 9.60 3.31 17.62
C LEU A 151 8.18 3.59 17.24
N LEU A 152 7.96 3.78 15.95
CA LEU A 152 6.68 3.99 15.36
C LEU A 152 5.96 2.65 15.19
N LEU A 153 4.65 2.66 15.31
CA LEU A 153 3.81 1.48 15.00
C LEU A 153 2.66 1.91 14.05
N SER A 154 2.53 1.21 12.97
CA SER A 154 1.51 1.44 11.99
C SER A 154 0.85 0.17 11.62
N ALA A 155 -0.21 0.25 10.81
CA ALA A 155 -0.91 -0.95 10.30
C ALA A 155 -1.51 -0.64 8.98
N ALA A 156 -1.43 -1.63 8.08
CA ALA A 156 -2.14 -1.64 6.75
C ALA A 156 -3.47 -2.27 6.87
N VAL A 157 -4.54 -1.54 6.58
CA VAL A 157 -5.86 -1.98 6.81
C VAL A 157 -6.59 -1.97 5.50
N PRO A 158 -7.28 -3.07 5.17
CA PRO A 158 -8.06 -3.08 3.94
C PRO A 158 -9.26 -2.13 3.98
N ALA A 159 -9.69 -1.75 2.78
CA ALA A 159 -10.68 -0.70 2.60
C ALA A 159 -12.10 -1.20 2.35
N GLY A 160 -12.32 -2.51 2.17
CA GLY A 160 -13.62 -3.04 2.02
C GLY A 160 -14.33 -3.16 3.37
N LYS A 161 -15.56 -2.63 3.43
CA LYS A 161 -16.41 -2.64 4.59
C LYS A 161 -16.43 -4.01 5.21
N ILE A 162 -16.61 -5.00 4.40
CA ILE A 162 -16.71 -6.34 4.89
C ILE A 162 -15.46 -6.82 5.67
N ALA A 163 -14.29 -6.65 5.09
CA ALA A 163 -13.00 -7.04 5.69
C ALA A 163 -12.73 -6.18 6.91
N ILE A 164 -13.16 -4.89 6.87
CA ILE A 164 -13.00 -4.03 8.06
C ILE A 164 -13.86 -4.54 9.25
N ASP A 165 -15.08 -4.79 9.00
CA ASP A 165 -16.00 -5.22 10.08
C ASP A 165 -15.59 -6.61 10.62
N ARG A 166 -15.13 -7.47 9.73
CA ARG A 166 -14.72 -8.84 10.10
C ARG A 166 -13.52 -8.84 11.10
N GLY A 167 -12.49 -8.09 10.73
CA GLY A 167 -11.21 -8.22 11.38
C GLY A 167 -10.68 -7.21 12.37
N TYR A 168 -11.27 -6.00 12.39
CA TYR A 168 -10.58 -4.82 12.93
C TYR A 168 -11.44 -4.06 13.89
N ASP A 169 -10.98 -3.90 15.10
CA ASP A 169 -11.64 -3.03 16.08
C ASP A 169 -10.93 -1.67 15.92
N ILE A 170 -11.48 -0.93 14.96
CA ILE A 170 -10.79 0.30 14.54
C ILE A 170 -10.69 1.35 15.66
N ALA A 171 -11.77 1.49 16.46
CA ALA A 171 -11.76 2.43 17.58
C ALA A 171 -10.67 2.10 18.59
N GLN A 172 -10.44 0.82 18.86
CA GLN A 172 -9.35 0.50 19.78
C GLN A 172 -7.97 0.60 19.17
N ILE A 173 -7.76 -0.03 18.02
CA ILE A 173 -6.40 -0.09 17.43
C ILE A 173 -5.90 1.30 17.10
N SER A 174 -6.82 2.21 16.73
CA SER A 174 -6.44 3.64 16.35
C SER A 174 -5.82 4.37 17.56
N ARG A 175 -6.18 3.99 18.77
CA ARG A 175 -5.60 4.62 19.98
C ARG A 175 -4.12 4.42 20.06
N HIS A 176 -3.58 3.24 19.61
CA HIS A 176 -2.22 2.83 19.85
C HIS A 176 -1.31 2.99 18.61
N LEU A 177 -1.91 3.07 17.42
CA LEU A 177 -1.13 3.12 16.22
C LEU A 177 -0.77 4.56 15.99
N ASP A 178 0.39 4.82 15.42
CA ASP A 178 0.75 6.18 15.00
C ASP A 178 0.07 6.63 13.65
N PHE A 179 -0.15 5.69 12.74
CA PHE A 179 -1.03 5.89 11.57
C PHE A 179 -1.56 4.57 11.11
N ILE A 180 -2.62 4.64 10.37
CA ILE A 180 -3.32 3.56 9.74
C ILE A 180 -3.29 3.82 8.24
N SER A 181 -2.69 2.94 7.43
CA SER A 181 -2.75 3.10 5.96
C SER A 181 -3.92 2.27 5.41
N LEU A 182 -4.87 2.97 4.85
CA LEU A 182 -6.05 2.43 4.34
C LEU A 182 -5.81 2.02 2.88
N LEU A 183 -6.03 0.73 2.59
CA LEU A 183 -5.66 0.09 1.28
C LEU A 183 -6.68 0.33 0.16
N THR A 184 -6.95 1.59 -0.11
CA THR A 184 -8.07 2.03 -0.98
C THR A 184 -7.75 1.86 -2.54
N TYR A 185 -7.43 0.61 -2.88
CA TYR A 185 -7.08 0.25 -4.26
C TYR A 185 -7.29 -1.21 -4.53
N ASP A 186 -8.25 -1.84 -3.83
CA ASP A 186 -8.55 -3.24 -4.17
C ASP A 186 -10.08 -3.45 -4.27
N PHE A 187 -10.75 -2.50 -4.83
CA PHE A 187 -12.18 -2.56 -4.94
C PHE A 187 -12.71 -3.37 -6.11
N HIS A 188 -11.88 -3.88 -6.98
CA HIS A 188 -12.27 -4.67 -8.13
C HIS A 188 -11.10 -5.60 -8.48
N GLY A 189 -11.40 -6.69 -9.17
CA GLY A 189 -10.37 -7.69 -9.53
C GLY A 189 -11.05 -8.66 -10.48
N ALA A 190 -10.23 -9.52 -11.02
CA ALA A 190 -10.72 -10.46 -12.08
C ALA A 190 -11.80 -11.46 -11.59
N TRP A 191 -11.86 -11.63 -10.25
CA TRP A 191 -12.95 -12.43 -9.64
C TRP A 191 -14.35 -11.93 -9.99
N ARG A 192 -14.48 -10.74 -10.55
CA ARG A 192 -15.74 -10.19 -10.90
C ARG A 192 -16.34 -10.44 -12.27
N GLN A 193 -15.62 -10.90 -13.26
CA GLN A 193 -16.34 -11.14 -14.52
C GLN A 193 -16.59 -9.97 -15.46
N THR A 194 -16.46 -8.74 -14.98
CA THR A 194 -16.56 -7.59 -15.87
C THR A 194 -15.38 -6.71 -15.58
N VAL A 195 -15.10 -5.79 -16.47
CA VAL A 195 -14.18 -4.73 -16.17
C VAL A 195 -14.73 -3.88 -14.99
N GLY A 196 -13.82 -3.12 -14.39
CA GLY A 196 -14.16 -2.22 -13.32
C GLY A 196 -12.95 -1.60 -12.75
N HIS A 197 -13.12 -0.52 -12.00
CA HIS A 197 -11.96 0.13 -11.38
C HIS A 197 -11.78 -0.28 -9.93
N HIS A 198 -10.53 -0.53 -9.57
CA HIS A 198 -10.17 -0.95 -8.25
C HIS A 198 -9.82 0.22 -7.32
N SER A 199 -9.63 1.42 -7.84
CA SER A 199 -9.32 2.50 -6.97
C SER A 199 -10.19 3.73 -7.20
N PRO A 200 -11.49 3.55 -7.52
CA PRO A 200 -12.31 4.74 -7.72
C PRO A 200 -12.39 5.63 -6.43
N LEU A 201 -12.41 6.96 -6.58
CA LEU A 201 -12.60 7.76 -5.42
C LEU A 201 -14.08 7.76 -4.95
N PHE A 202 -15.01 7.85 -5.90
CA PHE A 202 -16.45 7.79 -5.64
C PHE A 202 -17.16 6.66 -6.45
N ARG A 203 -18.42 6.42 -6.07
CA ARG A 203 -19.27 5.45 -6.72
C ARG A 203 -19.50 5.78 -8.15
N GLY A 204 -19.61 4.76 -9.01
CA GLY A 204 -20.08 4.96 -10.41
C GLY A 204 -21.60 4.74 -10.41
N GLN A 205 -22.34 5.76 -10.85
CA GLN A 205 -23.81 5.81 -10.83
C GLN A 205 -24.46 4.94 -11.90
N GLU A 206 -23.79 4.84 -13.05
CA GLU A 206 -24.21 3.93 -14.12
C GLU A 206 -24.27 2.49 -13.69
N ASP A 207 -23.14 2.00 -13.26
CA ASP A 207 -23.16 0.67 -12.79
C ASP A 207 -23.97 0.72 -11.47
N ALA A 208 -24.53 -0.41 -11.08
CA ALA A 208 -25.17 -0.44 -9.76
C ALA A 208 -24.08 -0.69 -8.69
N SER A 209 -23.03 0.16 -8.70
CA SER A 209 -21.71 -0.14 -8.03
C SER A 209 -21.96 -0.17 -6.52
N SER A 210 -21.68 -1.32 -5.88
CA SER A 210 -22.05 -1.52 -4.50
C SER A 210 -21.30 -0.40 -3.84
N ARG A 211 -22.28 0.53 -3.26
CA ARG A 211 -22.15 1.75 -2.55
C ARG A 211 -20.89 1.87 -1.72
N PHE A 212 -20.38 0.70 -1.32
CA PHE A 212 -19.20 0.65 -0.49
C PHE A 212 -17.81 0.62 -1.19
N SER A 213 -17.76 0.23 -2.46
CA SER A 213 -16.51 -0.15 -3.15
C SER A 213 -15.85 1.09 -3.76
N ASN A 214 -15.49 2.03 -2.89
CA ASN A 214 -14.87 3.24 -3.34
C ASN A 214 -14.18 3.93 -2.20
N ALA A 215 -13.17 4.71 -2.49
CA ALA A 215 -12.30 5.29 -1.44
C ALA A 215 -13.06 6.18 -0.47
N ASP A 216 -13.90 7.03 -0.97
CA ASP A 216 -14.64 7.91 -0.14
C ASP A 216 -15.46 7.17 0.90
N TYR A 217 -16.16 6.15 0.43
CA TYR A 217 -16.95 5.35 1.36
C TYR A 217 -16.02 4.83 2.48
N ALA A 218 -14.85 4.31 2.13
CA ALA A 218 -13.94 3.74 3.07
C ALA A 218 -13.36 4.72 4.07
N VAL A 219 -12.96 5.91 3.55
CA VAL A 219 -12.48 6.92 4.41
C VAL A 219 -13.58 7.34 5.41
N SER A 220 -14.76 7.62 4.93
CA SER A 220 -15.90 8.06 5.77
C SER A 220 -16.26 6.98 6.85
N TYR A 221 -16.24 5.71 6.43
CA TYR A 221 -16.44 4.61 7.39
C TYR A 221 -15.39 4.52 8.49
N MET A 222 -14.12 4.53 8.12
CA MET A 222 -13.01 4.55 9.09
C MET A 222 -13.18 5.69 10.10
N LEU A 223 -13.55 6.86 9.59
CA LEU A 223 -13.80 7.98 10.50
C LEU A 223 -14.95 7.77 11.41
N ARG A 224 -16.07 7.30 10.85
CA ARG A 224 -17.26 6.93 11.58
C ARG A 224 -16.96 5.89 12.65
N LEU A 225 -16.16 4.91 12.35
CA LEU A 225 -15.71 3.92 13.30
C LEU A 225 -14.77 4.45 14.37
N GLY A 226 -14.26 5.67 14.28
CA GLY A 226 -13.31 6.16 15.32
C GLY A 226 -11.90 6.30 15.08
N ALA A 227 -11.44 6.09 13.83
CA ALA A 227 -10.10 6.37 13.47
C ALA A 227 -10.03 7.93 13.37
N PRO A 228 -9.17 8.54 14.18
CA PRO A 228 -9.06 10.02 14.08
C PRO A 228 -8.55 10.36 12.70
N ALA A 229 -9.05 11.46 12.17
CA ALA A 229 -8.47 11.88 10.87
C ALA A 229 -6.98 12.01 10.90
N ASN A 230 -6.42 12.49 11.99
CA ASN A 230 -4.99 12.71 12.09
C ASN A 230 -4.15 11.43 12.25
N LYS A 231 -4.83 10.30 12.26
CA LYS A 231 -4.21 8.96 12.07
C LYS A 231 -4.44 8.18 10.77
N LEU A 232 -5.31 8.68 9.91
CA LEU A 232 -5.72 8.00 8.81
C LEU A 232 -4.90 8.49 7.60
N VAL A 233 -4.31 7.54 6.86
CA VAL A 233 -3.57 7.79 5.65
C VAL A 233 -4.25 7.07 4.48
N MET A 234 -4.52 7.79 3.38
CA MET A 234 -5.28 7.15 2.32
C MET A 234 -4.27 6.58 1.25
N GLY A 235 -4.46 5.31 0.99
CA GLY A 235 -3.67 4.55 -0.04
C GLY A 235 -3.96 4.99 -1.46
N ILE A 236 -2.89 5.09 -2.24
CA ILE A 236 -3.00 5.48 -3.66
C ILE A 236 -2.04 4.56 -4.34
N PRO A 237 -2.50 3.84 -5.38
CA PRO A 237 -1.69 2.93 -6.10
C PRO A 237 -0.89 3.52 -7.21
N THR A 238 0.32 3.00 -7.43
CA THR A 238 1.06 3.34 -8.67
C THR A 238 0.93 2.22 -9.70
N PHE A 239 0.44 1.05 -9.39
CA PHE A 239 0.11 0.02 -10.35
C PHE A 239 -1.26 0.20 -10.89
N GLY A 240 -1.58 -0.49 -11.99
CA GLY A 240 -2.97 -0.68 -12.47
C GLY A 240 -3.31 -2.15 -12.57
N LYS A 241 -4.56 -2.43 -12.81
CA LYS A 241 -5.04 -3.81 -12.95
C LYS A 241 -5.48 -3.97 -14.35
N SER A 242 -5.14 -5.10 -14.92
CA SER A 242 -5.49 -5.44 -16.27
C SER A 242 -6.41 -6.58 -16.35
N TYR A 243 -7.14 -6.65 -17.44
CA TYR A 243 -8.16 -7.65 -17.83
C TYR A 243 -8.05 -8.02 -19.25
N THR A 244 -8.36 -9.27 -19.58
CA THR A 244 -8.59 -9.68 -20.91
C THR A 244 -10.11 -9.59 -21.22
N LEU A 245 -10.48 -8.88 -22.26
CA LEU A 245 -11.83 -8.69 -22.64
C LEU A 245 -12.46 -9.90 -23.29
N ALA A 246 -13.74 -10.19 -23.04
CA ALA A 246 -14.41 -11.32 -23.69
C ALA A 246 -15.13 -10.90 -24.94
N SER A 247 -15.19 -9.63 -25.27
CA SER A 247 -15.87 -9.16 -26.43
C SER A 247 -15.25 -7.88 -26.90
N SER A 248 -15.88 -7.29 -27.91
CA SER A 248 -15.37 -6.02 -28.43
C SER A 248 -15.78 -4.91 -27.53
N LYS A 249 -16.69 -5.19 -26.62
CA LYS A 249 -17.13 -4.17 -25.66
C LYS A 249 -16.01 -3.77 -24.62
N THR A 250 -15.94 -2.46 -24.36
CA THR A 250 -14.81 -1.79 -23.63
C THR A 250 -15.28 -0.84 -22.54
N ASP A 251 -16.54 -0.93 -22.30
CA ASP A 251 -17.35 0.09 -21.79
C ASP A 251 -17.69 -0.42 -20.34
N VAL A 252 -18.32 0.44 -19.61
CA VAL A 252 -18.83 0.09 -18.28
C VAL A 252 -19.67 -1.21 -18.31
N GLY A 253 -19.34 -2.16 -17.42
CA GLY A 253 -19.90 -3.55 -17.43
C GLY A 253 -19.38 -4.53 -18.49
N ALA A 254 -18.44 -4.13 -19.35
CA ALA A 254 -17.94 -5.07 -20.42
C ALA A 254 -17.44 -6.38 -19.82
N PRO A 255 -17.79 -7.50 -20.43
CA PRO A 255 -17.36 -8.78 -19.88
C PRO A 255 -15.85 -9.07 -20.14
N ILE A 256 -15.24 -9.86 -19.27
CA ILE A 256 -13.84 -10.25 -19.30
C ILE A 256 -13.80 -11.77 -19.16
N SER A 257 -12.76 -12.34 -19.73
CA SER A 257 -12.44 -13.75 -19.61
C SER A 257 -11.44 -14.05 -18.53
N GLY A 258 -10.76 -13.05 -17.96
CA GLY A 258 -9.72 -13.28 -16.99
C GLY A 258 -8.87 -12.03 -16.78
N PRO A 259 -7.78 -12.10 -16.02
CA PRO A 259 -6.82 -11.08 -15.92
C PRO A 259 -6.08 -10.86 -17.22
N GLY A 260 -5.47 -9.70 -17.30
CA GLY A 260 -4.74 -9.30 -18.52
C GLY A 260 -3.44 -10.08 -18.55
N ILE A 261 -2.81 -10.04 -19.70
CA ILE A 261 -1.56 -10.69 -19.85
C ILE A 261 -0.50 -10.02 -19.05
N PRO A 262 0.49 -10.82 -18.60
CA PRO A 262 1.51 -10.20 -17.73
C PRO A 262 2.30 -9.05 -18.40
N GLY A 263 2.76 -8.10 -17.62
CA GLY A 263 3.71 -7.11 -18.04
C GLY A 263 5.11 -7.70 -18.37
N GLN A 264 5.79 -7.03 -19.26
CA GLN A 264 7.12 -7.37 -19.67
C GLN A 264 8.07 -7.43 -18.49
N PHE A 265 7.89 -6.56 -17.56
CA PHE A 265 8.74 -6.49 -16.40
C PHE A 265 8.25 -7.09 -15.10
N THR A 266 6.97 -6.81 -14.79
CA THR A 266 6.38 -7.26 -13.53
C THR A 266 5.98 -8.71 -13.62
N LYS A 267 5.70 -9.23 -14.76
CA LYS A 267 5.43 -10.68 -15.03
C LYS A 267 4.40 -11.29 -14.06
N GLU A 268 3.35 -10.59 -13.90
CA GLU A 268 2.27 -11.10 -13.06
C GLU A 268 0.93 -10.76 -13.73
N LYS A 269 0.17 -11.78 -14.08
CA LYS A 269 -1.09 -11.54 -14.80
C LYS A 269 -2.05 -10.69 -13.92
N GLY A 270 -2.70 -9.72 -14.55
CA GLY A 270 -3.65 -8.87 -13.83
C GLY A 270 -3.10 -7.60 -13.23
N ILE A 271 -1.80 -7.39 -13.22
CA ILE A 271 -1.24 -6.20 -12.72
C ILE A 271 -0.16 -5.60 -13.63
N LEU A 272 -0.04 -4.26 -13.68
CA LEU A 272 1.04 -3.62 -14.42
C LEU A 272 1.58 -2.52 -13.55
N ALA A 273 2.87 -2.30 -13.65
CA ALA A 273 3.51 -1.08 -13.12
C ALA A 273 3.09 0.15 -13.88
N TYR A 274 3.17 1.32 -13.25
CA TYR A 274 2.93 2.51 -14.02
C TYR A 274 3.84 2.69 -15.24
N TYR A 275 5.12 2.39 -15.11
CA TYR A 275 6.08 2.45 -16.23
C TYR A 275 5.60 1.57 -17.37
N GLU A 276 5.06 0.38 -17.02
CA GLU A 276 4.47 -0.50 -18.05
C GLU A 276 3.24 0.10 -18.73
N ILE A 277 2.40 0.71 -17.93
CA ILE A 277 1.23 1.35 -18.40
C ILE A 277 1.56 2.57 -19.29
N CYS A 278 2.58 3.34 -18.94
CA CYS A 278 3.02 4.43 -19.89
C CYS A 278 3.36 3.84 -21.21
N ASP A 279 3.95 2.63 -21.26
CA ASP A 279 4.27 2.07 -22.51
C ASP A 279 2.99 1.59 -23.26
N PHE A 280 2.11 0.92 -22.50
CA PHE A 280 0.84 0.40 -22.99
C PHE A 280 0.00 1.50 -23.65
N LEU A 281 0.05 2.70 -23.09
CA LEU A 281 -0.87 3.79 -23.63
C LEU A 281 -0.52 4.16 -25.05
N HIS A 282 0.66 3.78 -25.55
CA HIS A 282 1.00 4.07 -26.96
C HIS A 282 0.11 3.17 -27.77
N GLY A 283 -0.75 3.78 -28.58
CA GLY A 283 -1.70 3.09 -29.42
C GLY A 283 -2.95 2.62 -28.67
N ALA A 284 -3.14 3.02 -27.39
CA ALA A 284 -4.33 2.67 -26.62
C ALA A 284 -5.35 3.75 -26.78
N THR A 285 -6.59 3.39 -26.55
CA THR A 285 -7.68 4.29 -26.41
C THR A 285 -7.84 4.62 -24.96
N THR A 286 -7.85 5.92 -24.59
CA THR A 286 -8.03 6.30 -23.20
C THR A 286 -9.39 6.85 -22.90
N HIS A 287 -9.85 6.59 -21.69
CA HIS A 287 -11.12 7.02 -21.18
C HIS A 287 -11.04 7.36 -19.76
N ARG A 288 -12.00 8.14 -19.28
CA ARG A 288 -12.00 8.30 -17.80
C ARG A 288 -13.38 7.98 -17.35
N PHE A 289 -13.50 7.40 -16.20
CA PHE A 289 -14.75 7.37 -15.50
C PHE A 289 -15.01 8.73 -14.78
N ARG A 290 -15.96 9.48 -15.29
CA ARG A 290 -16.17 10.85 -14.82
C ARG A 290 -16.63 10.95 -13.37
N ASP A 291 -17.55 10.09 -12.99
CA ASP A 291 -18.07 10.04 -11.64
C ASP A 291 -17.05 9.48 -10.63
N GLN A 292 -16.36 8.39 -11.01
CA GLN A 292 -15.49 7.74 -10.14
C GLN A 292 -14.13 8.49 -10.05
N GLN A 293 -13.80 9.29 -11.08
CA GLN A 293 -12.65 10.23 -11.19
C GLN A 293 -11.29 9.52 -11.38
N VAL A 294 -11.37 8.42 -12.15
CA VAL A 294 -10.17 7.59 -12.39
C VAL A 294 -10.22 7.07 -13.86
N PRO A 295 -9.03 6.93 -14.45
CA PRO A 295 -8.92 6.55 -15.86
C PRO A 295 -8.80 5.01 -16.11
N TYR A 296 -9.13 4.64 -17.32
CA TYR A 296 -8.80 3.37 -17.87
C TYR A 296 -8.34 3.51 -19.32
N ALA A 297 -7.80 2.40 -19.87
CA ALA A 297 -7.30 2.43 -21.26
C ALA A 297 -7.43 1.05 -21.87
N THR A 298 -7.47 0.95 -23.18
CA THR A 298 -7.66 -0.35 -23.79
C THR A 298 -6.92 -0.37 -25.13
N LYS A 299 -6.50 -1.56 -25.55
CA LYS A 299 -5.77 -1.78 -26.83
C LYS A 299 -5.97 -3.30 -27.05
N GLY A 300 -6.28 -3.72 -28.25
CA GLY A 300 -6.60 -5.14 -28.68
C GLY A 300 -7.64 -5.70 -27.70
N ASN A 301 -7.34 -6.80 -27.02
CA ASN A 301 -8.24 -7.37 -26.03
C ASN A 301 -7.85 -7.10 -24.64
N GLN A 302 -7.00 -6.12 -24.44
CA GLN A 302 -6.54 -5.76 -23.09
C GLN A 302 -7.19 -4.49 -22.56
N TRP A 303 -7.54 -4.50 -21.30
CA TRP A 303 -8.25 -3.33 -20.66
C TRP A 303 -7.65 -3.11 -19.31
N VAL A 304 -7.24 -1.87 -19.03
CA VAL A 304 -6.38 -1.60 -17.89
C VAL A 304 -7.01 -0.44 -17.09
N ALA A 305 -7.34 -0.69 -15.82
CA ALA A 305 -7.72 0.44 -14.88
C ALA A 305 -6.51 0.93 -14.13
N TYR A 306 -6.28 2.24 -14.15
CA TYR A 306 -5.05 2.72 -13.53
C TYR A 306 -5.21 4.11 -12.90
N ASP A 307 -4.13 4.59 -12.30
CA ASP A 307 -4.05 5.94 -11.83
C ASP A 307 -2.95 6.70 -12.59
N ASP A 308 -3.20 7.96 -12.83
CA ASP A 308 -2.29 8.85 -13.54
C ASP A 308 -2.05 10.10 -12.69
N GLN A 309 -1.26 11.00 -13.22
CA GLN A 309 -0.93 12.21 -12.50
C GLN A 309 -2.19 12.95 -12.11
N GLU A 310 -3.15 13.02 -13.00
CA GLU A 310 -4.37 13.76 -12.65
C GLU A 310 -5.16 13.04 -11.60
N SER A 311 -5.28 11.72 -11.67
CA SER A 311 -6.06 11.05 -10.61
C SER A 311 -5.42 11.04 -9.24
N VAL A 312 -4.12 10.86 -9.23
CA VAL A 312 -3.40 10.94 -7.92
C VAL A 312 -3.41 12.29 -7.27
N LYS A 313 -3.29 13.38 -8.07
CA LYS A 313 -3.45 14.73 -7.53
C LYS A 313 -4.87 14.91 -6.96
N ASN A 314 -5.84 14.40 -7.66
CA ASN A 314 -7.23 14.51 -7.26
C ASN A 314 -7.49 13.84 -5.88
N LYS A 315 -6.95 12.64 -5.71
CA LYS A 315 -6.96 11.89 -4.43
C LYS A 315 -6.21 12.63 -3.34
N ALA A 316 -5.09 13.27 -3.71
CA ALA A 316 -4.38 14.08 -2.70
C ALA A 316 -5.19 15.30 -2.28
N ARG A 317 -5.85 15.97 -3.19
CA ARG A 317 -6.69 17.10 -2.81
C ARG A 317 -7.83 16.67 -1.89
N TYR A 318 -8.39 15.50 -2.23
CA TYR A 318 -9.48 14.91 -1.35
C TYR A 318 -9.04 14.63 0.05
N LEU A 319 -7.91 13.97 0.21
CA LEU A 319 -7.49 13.62 1.55
C LEU A 319 -7.14 14.86 2.36
N LYS A 320 -6.58 15.90 1.71
CA LYS A 320 -6.29 17.16 2.43
C LYS A 320 -7.62 17.81 2.85
N ASN A 321 -8.61 17.86 1.94
CA ASN A 321 -9.94 18.46 2.29
C ASN A 321 -10.62 17.76 3.48
N ARG A 322 -10.38 16.43 3.59
CA ARG A 322 -10.88 15.63 4.73
C ARG A 322 -9.88 15.65 5.91
N GLN A 323 -8.83 16.49 5.87
CA GLN A 323 -7.92 16.69 7.00
C GLN A 323 -7.31 15.35 7.48
N LEU A 324 -7.02 14.45 6.53
CA LEU A 324 -6.37 13.20 6.77
C LEU A 324 -4.86 13.50 7.03
N ALA A 325 -4.23 12.52 7.65
CA ALA A 325 -2.86 12.58 8.05
C ALA A 325 -1.93 12.67 6.84
N GLY A 326 -2.39 12.11 5.72
CA GLY A 326 -1.61 12.01 4.46
C GLY A 326 -1.99 10.91 3.53
N ALA A 327 -1.02 10.54 2.63
CA ALA A 327 -1.22 9.53 1.64
C ALA A 327 -0.23 8.38 1.82
N MET A 328 -0.62 7.20 1.45
CA MET A 328 0.26 6.11 1.31
C MET A 328 0.36 5.71 -0.13
N VAL A 329 1.54 5.23 -0.54
CA VAL A 329 1.78 4.82 -1.98
C VAL A 329 2.19 3.37 -2.03
N TRP A 330 1.43 2.57 -2.77
CA TRP A 330 1.79 1.18 -3.08
C TRP A 330 2.06 1.18 -4.60
N ALA A 331 3.28 1.12 -5.08
CA ALA A 331 4.55 1.10 -4.38
C ALA A 331 5.59 1.90 -5.19
N LEU A 332 6.68 2.25 -4.53
CA LEU A 332 7.78 2.97 -5.22
C LEU A 332 8.35 2.27 -6.38
N ASP A 333 8.45 0.93 -6.36
CA ASP A 333 9.09 0.19 -7.42
C ASP A 333 8.11 -0.03 -8.59
N LEU A 334 6.85 0.39 -8.40
CA LEU A 334 5.80 0.35 -9.47
C LEU A 334 5.48 1.71 -10.07
N ASP A 335 5.96 2.81 -9.47
CA ASP A 335 5.90 4.12 -10.15
C ASP A 335 7.03 4.07 -11.25
N ASP A 336 7.12 5.09 -12.10
CA ASP A 336 8.26 5.14 -13.07
C ASP A 336 9.47 5.66 -12.32
N PHE A 337 10.05 4.77 -11.52
CA PHE A 337 11.17 5.18 -10.67
C PHE A 337 12.42 5.61 -11.44
N ARG A 338 12.56 5.11 -12.64
CA ARG A 338 13.67 5.50 -13.49
C ARG A 338 13.42 6.79 -14.15
N GLY A 339 12.16 7.10 -14.36
CA GLY A 339 11.81 8.34 -15.01
C GLY A 339 11.79 8.38 -16.54
N THR A 340 12.02 7.20 -17.17
CA THR A 340 12.35 7.15 -18.57
C THR A 340 11.24 6.56 -19.40
N PHE A 341 10.14 6.17 -18.78
CA PHE A 341 9.05 5.51 -19.52
C PHE A 341 7.88 6.43 -19.93
N CYS A 342 7.64 7.49 -19.20
CA CYS A 342 6.39 8.19 -19.26
C CYS A 342 6.47 9.55 -19.96
N GLY A 343 7.51 9.65 -20.81
CA GLY A 343 7.68 10.76 -21.74
C GLY A 343 8.02 12.05 -21.01
N GLN A 344 8.54 11.96 -19.80
CA GLN A 344 8.76 13.23 -19.13
C GLN A 344 10.01 13.47 -18.34
N ASN A 345 10.97 12.57 -18.55
CA ASN A 345 12.19 12.61 -17.92
C ASN A 345 12.12 12.96 -16.46
N LEU A 346 11.28 12.31 -15.74
CA LEU A 346 10.99 12.69 -14.37
C LEU A 346 10.83 11.40 -13.58
N ALA A 347 11.70 11.12 -12.62
CA ALA A 347 11.55 10.04 -11.79
C ALA A 347 10.34 10.18 -10.81
N PHE A 348 9.65 9.05 -10.52
CA PHE A 348 8.54 9.00 -9.58
C PHE A 348 7.49 10.05 -9.95
N PRO A 349 6.97 9.97 -11.16
CA PRO A 349 5.98 10.99 -11.55
C PRO A 349 4.78 10.93 -10.66
N LEU A 350 4.27 9.74 -10.33
CA LEU A 350 2.98 9.68 -9.54
C LEU A 350 3.20 10.14 -8.08
N THR A 351 4.32 9.64 -7.51
CA THR A 351 4.61 9.96 -6.16
C THR A 351 4.93 11.44 -5.99
N ASN A 352 5.67 12.03 -6.87
CA ASN A 352 5.94 13.46 -6.82
C ASN A 352 4.67 14.29 -7.06
N ALA A 353 3.73 13.80 -7.93
CA ALA A 353 2.48 14.57 -8.08
C ALA A 353 1.72 14.61 -6.74
N ILE A 354 1.68 13.49 -6.04
CA ILE A 354 1.06 13.41 -4.75
C ILE A 354 1.77 14.43 -3.75
N LYS A 355 3.10 14.29 -3.70
CA LYS A 355 3.92 15.15 -2.83
C LYS A 355 3.67 16.59 -3.08
N ASP A 356 3.62 17.02 -4.32
CA ASP A 356 3.47 18.43 -4.60
C ASP A 356 2.09 19.02 -4.19
N VAL A 357 1.05 18.21 -4.31
CA VAL A 357 -0.28 18.55 -3.74
C VAL A 357 -0.29 18.64 -2.22
N LEU A 358 0.31 17.69 -1.57
CA LEU A 358 0.34 17.67 -0.09
C LEU A 358 1.17 18.87 0.47
N ALA A 359 2.13 19.32 -0.30
CA ALA A 359 2.90 20.52 0.06
C ALA A 359 2.15 21.82 -0.19
N GLY A 360 1.25 21.86 -1.16
CA GLY A 360 0.46 23.07 -1.55
C GLY A 360 -0.61 23.45 -0.46
N VAL A 361 -1.27 24.58 -0.69
CA VAL A 361 -1.96 25.27 0.45
C1 NAG B . 9.78 -17.65 7.22
C2 NAG B . 10.63 -18.40 6.22
C3 NAG B . 10.28 -19.88 6.09
C4 NAG B . 10.09 -20.53 7.45
C5 NAG B . 9.10 -19.68 8.20
C6 NAG B . 8.75 -20.23 9.55
C7 NAG B . 11.45 -17.25 4.34
C8 NAG B . 11.22 -16.92 2.92
N2 NAG B . 10.48 -17.83 4.94
O3 NAG B . 11.35 -20.46 5.37
O4 NAG B . 9.56 -21.87 7.33
O5 NAG B . 9.67 -18.40 8.39
O6 NAG B . 9.96 -20.42 10.24
O7 NAG B . 12.46 -16.94 4.88
C1 MPD C . 2.71 -8.76 -8.12
C2 MPD C . 3.81 -7.71 -8.18
O2 MPD C . 5.00 -8.21 -7.63
CM MPD C . 4.09 -7.45 -9.66
C3 MPD C . 3.47 -6.37 -7.55
C4 MPD C . 3.10 -6.28 -6.10
O4 MPD C . 3.55 -5.11 -5.46
C5 MPD C . 1.60 -6.42 -5.95
C1 EOH D . -0.90 -4.53 0.39
C2 EOH D . -0.20 -3.93 1.63
O EOH D . -1.31 -3.49 -0.52
#